data_4LDG
#
_entry.id   4LDG
#
_cell.length_a   68.229
_cell.length_b   68.229
_cell.length_c   142.694
_cell.angle_alpha   90.000
_cell.angle_beta   90.000
_cell.angle_gamma   90.000
#
_symmetry.space_group_name_H-M   'P 41 21 2'
#
loop_
_entity.id
_entity.type
_entity.pdbx_description
1 polymer 'Protein with a SET domain within carboxy region'
2 non-polymer 'MALONATE ION'
3 water water
#
_entity_poly.entity_id   1
_entity_poly.type   'polypeptide(L)'
_entity_poly.pdbx_seq_one_letter_code
;GSNKNHQKLKENKDIFYELSQKLIQDLYSKIPYFERNGIEYFTDSKFLDLKHKNKEFSNNSELEINFTPNNEIEQSNIEN
QITRRSSKRVSFGANSEISIIEATIDMNYKVIHLPIYNYSEKWKKIIYKYCILNEIHSCTLIKKDAFKGRCVIAGSLIRK
DDFVLEYKGNLITQLNEAKELEEKYALSNRGCYMYYFKANDKNYCIDATEECLEFGPGRLINHSRKNPNIITKVLMIENT
PRLFFVSKRDIICGEELLFDYGDNNPISTLHNPWLVNS
;
_entity_poly.pdbx_strand_id   A
#
# COMPACT_ATOMS: atom_id res chain seq x y z
N ASP A 14 7.19 14.16 14.22
CA ASP A 14 5.94 13.39 14.48
C ASP A 14 6.20 11.89 14.29
N ILE A 15 5.17 11.16 13.83
CA ILE A 15 5.37 9.83 13.24
C ILE A 15 6.08 9.99 11.89
N PHE A 16 6.03 11.19 11.31
CA PHE A 16 6.69 11.47 10.03
C PHE A 16 8.15 11.04 10.04
N TYR A 17 8.85 11.32 11.13
CA TYR A 17 10.26 10.96 11.24
C TYR A 17 10.46 9.48 11.58
N GLU A 18 9.59 8.93 12.42
CA GLU A 18 9.68 7.54 12.85
C GLU A 18 9.28 6.62 11.67
N LEU A 19 8.25 7.01 10.92
CA LEU A 19 7.87 6.30 9.71
C LEU A 19 8.96 6.37 8.65
N SER A 20 9.57 7.55 8.46
CA SER A 20 10.66 7.68 7.50
C SER A 20 11.82 6.74 7.81
N GLN A 21 12.08 6.50 9.09
CA GLN A 21 13.17 5.60 9.49
C GLN A 21 12.80 4.14 9.25
N LYS A 22 11.54 3.77 9.52
CA LYS A 22 11.08 2.39 9.29
C LYS A 22 11.23 2.08 7.81
N LEU A 23 10.86 3.03 6.97
CA LEU A 23 10.95 2.86 5.52
C LEU A 23 12.40 2.72 5.06
N ILE A 24 13.29 3.55 5.60
CA ILE A 24 14.73 3.47 5.27
C ILE A 24 15.29 2.10 5.68
N GLN A 25 14.91 1.64 6.87
CA GLN A 25 15.35 0.35 7.37
C GLN A 25 14.83 -0.80 6.48
N ASP A 26 13.57 -0.69 6.04
N ASP A 26 13.59 -0.69 6.04
CA ASP A 26 13.01 -1.65 5.09
CA ASP A 26 13.00 -1.68 5.13
C ASP A 26 13.86 -1.70 3.84
C ASP A 26 13.77 -1.69 3.81
N LEU A 27 14.17 -0.52 3.32
CA LEU A 27 15.01 -0.41 2.13
C LEU A 27 16.34 -1.13 2.39
N TYR A 28 17.01 -0.81 3.49
CA TYR A 28 18.30 -1.45 3.82
C TYR A 28 18.22 -2.97 3.81
N SER A 29 17.11 -3.53 4.31
N SER A 29 17.11 -3.53 4.31
CA SER A 29 16.95 -4.97 4.38
CA SER A 29 16.94 -4.98 4.38
C SER A 29 16.78 -5.64 3.02
C SER A 29 16.85 -5.63 3.00
N LYS A 30 16.39 -4.87 2.01
CA LYS A 30 16.21 -5.39 0.65
C LYS A 30 17.40 -5.13 -0.30
N ILE A 31 18.38 -4.35 0.17
CA ILE A 31 19.55 -4.01 -0.66
C ILE A 31 20.29 -5.23 -1.21
N PRO A 32 20.61 -6.23 -0.35
CA PRO A 32 21.27 -7.44 -0.87
C PRO A 32 20.51 -8.10 -2.01
N TYR A 33 19.17 -8.12 -1.91
CA TYR A 33 18.35 -8.64 -3.00
C TYR A 33 18.39 -7.73 -4.23
N PHE A 34 18.31 -6.40 -4.05
CA PHE A 34 18.43 -5.48 -5.20
C PHE A 34 19.79 -5.63 -5.91
N GLU A 35 20.85 -5.75 -5.13
CA GLU A 35 22.20 -5.84 -5.70
C GLU A 35 22.40 -7.15 -6.44
N ARG A 36 22.01 -8.26 -5.83
CA ARG A 36 22.04 -9.56 -6.54
C ARG A 36 21.28 -9.55 -7.85
N ASN A 37 20.17 -8.80 -7.92
CA ASN A 37 19.33 -8.81 -9.14
C ASN A 37 19.53 -7.62 -10.08
N GLY A 38 20.60 -6.84 -9.86
CA GLY A 38 20.89 -5.65 -10.67
C GLY A 38 19.78 -4.62 -10.71
N ILE A 39 19.02 -4.50 -9.62
CA ILE A 39 17.89 -3.57 -9.56
C ILE A 39 18.32 -2.25 -8.94
N GLU A 40 18.09 -1.14 -9.63
CA GLU A 40 18.36 0.18 -9.08
C GLU A 40 17.47 0.49 -7.85
N TYR A 41 18.10 0.95 -6.77
CA TYR A 41 17.40 1.41 -5.57
C TYR A 41 17.85 2.84 -5.23
N PHE A 42 17.11 3.54 -4.37
CA PHE A 42 17.38 4.95 -4.08
C PHE A 42 18.61 5.11 -3.18
N THR A 43 19.36 6.19 -3.37
CA THR A 43 20.53 6.50 -2.54
C THR A 43 20.57 7.99 -2.19
N ASP A 44 20.39 8.31 -0.91
CA ASP A 44 20.66 9.68 -0.39
C ASP A 44 20.69 9.72 1.14
N THR A 83 16.14 -16.25 9.94
CA THR A 83 16.16 -17.53 10.65
C THR A 83 14.75 -18.16 10.73
N ARG A 84 13.80 -17.40 11.29
CA ARG A 84 12.41 -17.85 11.46
CA ARG A 84 12.41 -17.86 11.46
C ARG A 84 11.52 -17.27 10.37
N ARG A 85 10.56 -18.06 9.86
CA ARG A 85 9.79 -17.66 8.68
C ARG A 85 8.48 -18.41 8.49
N SER A 86 7.39 -17.70 8.13
CA SER A 86 6.09 -18.32 7.81
C SER A 86 5.03 -17.44 7.10
N SER A 87 4.02 -18.09 6.54
CA SER A 87 2.92 -17.45 5.86
C SER A 87 1.62 -17.85 6.53
N LYS A 88 0.72 -16.88 6.69
CA LYS A 88 -0.57 -17.19 7.31
C LYS A 88 -1.37 -18.15 6.41
N ARG A 89 -1.95 -19.19 6.99
CA ARG A 89 -2.78 -20.12 6.23
C ARG A 89 -3.91 -19.36 5.53
N VAL A 90 -4.46 -18.33 6.16
CA VAL A 90 -5.58 -17.61 5.51
C VAL A 90 -5.18 -16.79 4.30
N SER A 91 -3.89 -16.69 4.02
CA SER A 91 -3.39 -15.79 2.96
C SER A 91 -3.33 -16.44 1.57
N PHE A 92 -3.60 -17.74 1.52
CA PHE A 92 -3.77 -18.42 0.24
C PHE A 92 -4.91 -19.40 0.37
N GLY A 93 -5.35 -19.90 -0.78
CA GLY A 93 -6.48 -20.82 -0.83
C GLY A 93 -6.00 -22.25 -0.80
N ALA A 94 -6.29 -22.99 -1.86
CA ALA A 94 -5.86 -24.36 -1.97
C ALA A 94 -4.35 -24.43 -1.99
N ASN A 95 -3.83 -25.58 -1.56
CA ASN A 95 -2.40 -25.80 -1.48
C ASN A 95 -1.74 -25.71 -2.82
N SER A 96 -2.48 -25.98 -3.89
CA SER A 96 -1.90 -25.85 -5.24
C SER A 96 -1.58 -24.38 -5.66
N GLU A 97 -1.98 -23.37 -4.88
CA GLU A 97 -1.62 -21.97 -5.16
C GLU A 97 -0.21 -21.65 -4.69
N ILE A 98 0.34 -22.52 -3.85
CA ILE A 98 1.57 -22.20 -3.16
C ILE A 98 2.78 -22.08 -4.08
N SER A 99 2.82 -22.89 -5.12
CA SER A 99 3.96 -22.88 -6.04
C SER A 99 4.18 -21.53 -6.71
N ILE A 100 3.12 -20.97 -7.29
CA ILE A 100 3.22 -19.70 -8.01
C ILE A 100 3.54 -18.58 -7.04
N ILE A 101 2.99 -18.66 -5.82
CA ILE A 101 3.23 -17.62 -4.82
C ILE A 101 4.69 -17.58 -4.43
N GLU A 102 5.29 -18.74 -4.17
CA GLU A 102 6.67 -18.77 -3.70
C GLU A 102 7.66 -18.41 -4.79
N ALA A 103 7.30 -18.68 -6.04
CA ALA A 103 8.09 -18.22 -7.16
C ALA A 103 7.88 -16.72 -7.42
N THR A 104 6.68 -16.23 -7.18
CA THR A 104 6.38 -14.84 -7.52
C THR A 104 6.95 -13.90 -6.47
N ILE A 105 6.87 -14.31 -5.19
CA ILE A 105 7.29 -13.50 -4.07
C ILE A 105 8.47 -14.14 -3.34
N ASP A 106 9.51 -13.35 -3.11
CA ASP A 106 10.68 -13.82 -2.34
C ASP A 106 10.32 -13.62 -0.89
N MET A 107 10.16 -14.72 -0.17
N MET A 107 10.09 -14.67 -0.13
CA MET A 107 9.74 -14.70 1.22
CA MET A 107 9.69 -14.46 1.27
C MET A 107 10.84 -14.28 2.20
C MET A 107 10.85 -14.26 2.23
N ASN A 108 12.09 -14.27 1.74
CA ASN A 108 13.20 -13.86 2.59
C ASN A 108 13.26 -12.34 2.66
N TYR A 109 13.08 -11.68 1.51
CA TYR A 109 13.16 -10.21 1.47
C TYR A 109 11.82 -9.48 1.41
N LYS A 110 10.72 -10.21 1.23
CA LYS A 110 9.36 -9.67 1.12
C LYS A 110 9.23 -8.71 -0.07
N VAL A 111 9.63 -9.20 -1.24
CA VAL A 111 9.53 -8.44 -2.48
C VAL A 111 8.80 -9.26 -3.49
N ILE A 112 8.17 -8.55 -4.41
CA ILE A 112 7.55 -9.16 -5.56
C ILE A 112 8.67 -9.31 -6.58
N HIS A 113 9.09 -10.57 -6.76
CA HIS A 113 10.26 -10.92 -7.55
C HIS A 113 9.95 -11.03 -9.04
N LEU A 114 8.77 -11.56 -9.39
CA LEU A 114 8.39 -11.71 -10.80
C LEU A 114 7.34 -10.67 -11.20
N PRO A 115 7.35 -10.22 -12.47
CA PRO A 115 6.24 -9.40 -12.96
C PRO A 115 4.94 -10.15 -12.78
N ILE A 116 3.84 -9.43 -12.57
CA ILE A 116 2.54 -10.03 -12.52
C ILE A 116 1.50 -9.40 -13.45
N TYR A 117 1.89 -8.45 -14.27
CA TYR A 117 0.94 -7.83 -15.19
C TYR A 117 0.53 -8.84 -16.26
N ASN A 118 1.32 -9.90 -16.41
CA ASN A 118 1.00 -10.98 -17.35
C ASN A 118 0.13 -12.09 -16.75
N TYR A 119 -0.19 -12.00 -15.47
CA TYR A 119 -0.98 -13.03 -14.79
C TYR A 119 -2.45 -12.77 -15.02
N SER A 120 -3.25 -13.83 -15.04
CA SER A 120 -4.70 -13.71 -15.18
C SER A 120 -5.26 -13.01 -13.95
N GLU A 121 -6.51 -12.57 -14.06
CA GLU A 121 -7.20 -11.90 -12.94
C GLU A 121 -7.20 -12.77 -11.71
N LYS A 122 -7.55 -14.04 -11.87
CA LYS A 122 -7.52 -15.01 -10.78
C LYS A 122 -6.20 -14.97 -10.02
N TRP A 123 -5.11 -15.00 -10.77
CA TRP A 123 -3.80 -15.09 -10.16
C TRP A 123 -3.28 -13.75 -9.64
N LYS A 124 -3.69 -12.63 -10.21
CA LYS A 124 -3.38 -11.36 -9.55
C LYS A 124 -4.05 -11.24 -8.19
N LYS A 125 -5.32 -11.65 -8.13
CA LYS A 125 -6.04 -11.66 -6.87
C LYS A 125 -5.33 -12.53 -5.83
N ILE A 126 -4.86 -13.69 -6.23
CA ILE A 126 -4.14 -14.55 -5.31
C ILE A 126 -2.92 -13.83 -4.74
N ILE A 127 -2.15 -13.21 -5.61
CA ILE A 127 -0.97 -12.45 -5.18
C ILE A 127 -1.31 -11.24 -4.29
N TYR A 128 -2.31 -10.48 -4.66
CA TYR A 128 -2.72 -9.33 -3.85
C TYR A 128 -3.16 -9.71 -2.45
N LYS A 129 -4.02 -10.71 -2.38
CA LYS A 129 -4.46 -11.27 -1.13
C LYS A 129 -3.28 -11.70 -0.29
N TYR A 130 -2.33 -12.40 -0.90
CA TYR A 130 -1.14 -12.81 -0.17
C TYR A 130 -0.35 -11.61 0.36
N CYS A 131 -0.13 -10.59 -0.47
CA CYS A 131 0.63 -9.39 -0.01
C CYS A 131 -0.11 -8.64 1.11
N ILE A 132 -1.42 -8.53 0.98
CA ILE A 132 -2.20 -7.84 2.00
C ILE A 132 -2.01 -8.51 3.36
N LEU A 133 -2.15 -9.83 3.38
CA LEU A 133 -2.20 -10.57 4.66
C LEU A 133 -0.82 -10.86 5.25
N ASN A 134 0.22 -10.94 4.43
CA ASN A 134 1.58 -11.17 4.94
C ASN A 134 2.44 -9.90 4.93
N GLU A 135 1.81 -8.75 4.71
CA GLU A 135 2.47 -7.44 4.82
C GLU A 135 3.58 -7.26 3.82
N ILE A 136 3.36 -7.67 2.58
CA ILE A 136 4.30 -7.41 1.51
C ILE A 136 3.92 -6.07 0.90
N HIS A 137 4.90 -5.23 0.60
CA HIS A 137 4.63 -3.95 -0.10
C HIS A 137 5.78 -3.56 -1.00
N SER A 138 5.52 -2.63 -1.91
CA SER A 138 6.58 -2.06 -2.72
C SER A 138 7.47 -1.29 -1.77
N CYS A 139 8.71 -1.08 -2.18
CA CYS A 139 9.66 -0.29 -1.38
C CYS A 139 9.37 1.19 -1.70
N THR A 140 8.94 1.93 -0.68
CA THR A 140 8.75 3.36 -0.79
C THR A 140 9.56 4.15 0.24
N LEU A 141 9.67 5.46 0.02
CA LEU A 141 10.27 6.40 0.98
C LEU A 141 9.47 7.69 1.06
N ILE A 142 9.56 8.36 2.20
CA ILE A 142 8.99 9.70 2.39
C ILE A 142 10.07 10.78 2.22
N LYS A 143 9.74 11.84 1.50
CA LYS A 143 10.59 13.02 1.40
C LYS A 143 9.81 14.23 1.89
N LYS A 144 10.47 15.09 2.66
CA LYS A 144 9.96 16.41 3.01
C LYS A 144 10.69 17.41 2.12
N ASP A 145 10.24 18.65 2.12
CA ASP A 145 10.69 19.63 1.12
C ASP A 145 10.03 20.98 1.43
N ALA A 146 10.72 22.07 1.13
CA ALA A 146 10.14 23.42 1.23
C ALA A 146 9.17 23.71 0.07
N PHE A 147 9.41 23.05 -1.07
CA PHE A 147 8.56 23.19 -2.27
C PHE A 147 7.28 22.35 -2.27
N LYS A 148 7.43 21.02 -2.35
CA LYS A 148 6.28 20.09 -2.52
C LYS A 148 5.65 19.55 -1.23
N GLY A 149 6.21 19.90 -0.07
CA GLY A 149 5.79 19.32 1.22
C GLY A 149 6.29 17.89 1.42
N ARG A 150 5.53 17.09 2.17
CA ARG A 150 5.79 15.66 2.29
C ARG A 150 5.40 14.99 0.96
N CYS A 151 6.14 13.96 0.56
CA CYS A 151 5.70 13.10 -0.54
C CYS A 151 6.23 11.67 -0.42
N VAL A 152 5.70 10.79 -1.27
CA VAL A 152 6.03 9.38 -1.23
C VAL A 152 6.64 9.05 -2.58
N ILE A 153 7.82 8.45 -2.55
CA ILE A 153 8.52 8.09 -3.75
C ILE A 153 8.80 6.60 -3.77
N ALA A 154 9.02 6.08 -4.98
CA ALA A 154 9.46 4.72 -5.16
C ALA A 154 10.92 4.61 -4.70
N GLY A 155 11.20 3.65 -3.82
CA GLY A 155 12.55 3.33 -3.38
C GLY A 155 13.29 2.43 -4.35
N SER A 156 12.55 1.79 -5.24
CA SER A 156 13.15 1.03 -6.35
C SER A 156 12.05 0.82 -7.38
N LEU A 157 12.39 0.19 -8.49
CA LEU A 157 11.41 -0.07 -9.57
C LEU A 157 10.12 -0.68 -9.02
N ILE A 158 9.00 -0.08 -9.39
CA ILE A 158 7.70 -0.67 -9.15
C ILE A 158 7.15 -1.02 -10.53
N ARG A 159 7.08 -2.32 -10.82
CA ARG A 159 6.54 -2.76 -12.07
C ARG A 159 5.03 -2.55 -12.13
N LYS A 160 4.54 -2.41 -13.36
CA LYS A 160 3.13 -2.34 -13.64
C LYS A 160 2.36 -3.48 -12.97
N ASP A 161 1.27 -3.12 -12.29
CA ASP A 161 0.40 -4.06 -11.59
C ASP A 161 0.91 -4.60 -10.25
N ASP A 162 2.13 -4.26 -9.86
CA ASP A 162 2.60 -4.62 -8.52
C ASP A 162 1.63 -4.07 -7.50
N PHE A 163 1.51 -4.82 -6.41
CA PHE A 163 0.95 -4.33 -5.14
C PHE A 163 1.85 -3.21 -4.67
N VAL A 164 1.29 -2.02 -4.40
CA VAL A 164 2.13 -0.92 -3.89
C VAL A 164 2.05 -0.83 -2.36
N LEU A 165 0.88 -0.50 -1.84
CA LEU A 165 0.70 -0.30 -0.40
C LEU A 165 -0.76 -0.48 -0.10
N GLU A 166 -1.07 -0.87 1.13
CA GLU A 166 -2.45 -0.91 1.54
C GLU A 166 -2.79 0.48 2.04
N TYR A 167 -4.01 0.94 1.79
CA TYR A 167 -4.49 2.16 2.42
C TYR A 167 -5.04 1.77 3.78
N LYS A 168 -4.20 1.85 4.79
CA LYS A 168 -4.57 1.48 6.16
C LYS A 168 -5.17 2.59 6.98
N GLY A 169 -6.05 2.24 7.91
CA GLY A 169 -6.66 3.24 8.80
C GLY A 169 -7.69 2.51 9.61
N ASN A 170 -8.56 3.26 10.31
CA ASN A 170 -9.73 2.67 10.96
C ASN A 170 -10.89 2.62 9.97
N LEU A 171 -11.45 1.43 9.81
CA LEU A 171 -12.51 1.23 8.86
C LEU A 171 -13.79 1.62 9.54
N ILE A 172 -14.60 2.44 8.87
CA ILE A 172 -15.84 2.89 9.48
C ILE A 172 -16.97 2.42 8.61
N THR A 173 -17.92 1.75 9.22
CA THR A 173 -19.00 1.11 8.49
C THR A 173 -20.31 1.89 8.61
N GLN A 174 -20.44 2.71 9.66
CA GLN A 174 -21.60 3.61 9.84
C GLN A 174 -21.19 5.02 9.36
N LEU A 175 -21.78 5.47 8.25
CA LEU A 175 -21.38 6.74 7.64
C LEU A 175 -21.73 8.00 8.44
N ASN A 176 -22.74 7.92 9.31
CA ASN A 176 -22.97 9.04 10.23
C ASN A 176 -21.80 9.25 11.22
N GLU A 177 -21.09 8.18 11.61
CA GLU A 177 -19.86 8.31 12.41
C GLU A 177 -18.75 9.03 11.65
N ALA A 178 -18.63 8.70 10.36
CA ALA A 178 -17.60 9.30 9.50
C ALA A 178 -17.81 10.79 9.30
N LYS A 179 -19.03 11.18 8.96
CA LYS A 179 -19.32 12.59 8.77
CA LYS A 179 -19.41 12.59 8.81
C LYS A 179 -19.10 13.38 10.09
N GLU A 180 -19.48 12.83 11.23
CA GLU A 180 -19.23 13.49 12.51
C GLU A 180 -17.73 13.64 12.76
N LEU A 181 -16.98 12.58 12.47
CA LEU A 181 -15.51 12.65 12.55
C LEU A 181 -14.94 13.73 11.66
N GLU A 182 -15.50 13.84 10.47
CA GLU A 182 -15.07 14.84 9.52
C GLU A 182 -15.28 16.20 10.13
N GLU A 183 -16.46 16.45 10.69
CA GLU A 183 -16.73 17.73 11.33
C GLU A 183 -15.79 18.04 12.50
N LYS A 184 -15.44 17.04 13.30
CA LYS A 184 -14.54 17.25 14.42
C LYS A 184 -13.13 17.63 13.97
N TYR A 185 -12.60 16.93 12.98
CA TYR A 185 -11.30 17.30 12.44
C TYR A 185 -11.32 18.73 11.88
N ALA A 186 -12.37 19.11 11.15
CA ALA A 186 -12.43 20.46 10.60
C ALA A 186 -12.46 21.50 11.71
N LEU A 187 -13.28 21.25 12.74
CA LEU A 187 -13.44 22.20 13.85
C LEU A 187 -12.15 22.38 14.68
N SER A 188 -11.34 21.34 14.77
CA SER A 188 -10.06 21.35 15.49
C SER A 188 -8.89 21.84 14.65
N ASN A 189 -9.16 22.15 13.38
CA ASN A 189 -8.16 22.55 12.40
C ASN A 189 -7.11 21.51 12.16
N ARG A 190 -7.54 20.26 12.28
CA ARG A 190 -6.67 19.16 11.96
C ARG A 190 -6.93 18.82 10.51
N GLY A 191 -5.89 18.34 9.86
CA GLY A 191 -6.09 17.72 8.57
C GLY A 191 -7.00 16.52 8.72
N CYS A 192 -7.23 15.83 7.62
CA CYS A 192 -8.16 14.75 7.64
C CYS A 192 -7.83 13.84 6.46
N TYR A 193 -7.39 12.63 6.77
CA TYR A 193 -7.00 11.69 5.75
C TYR A 193 -8.05 10.59 5.75
N MET A 194 -9.19 10.88 5.14
CA MET A 194 -10.29 9.94 5.12
C MET A 194 -10.57 9.57 3.69
N TYR A 195 -10.91 8.31 3.50
CA TYR A 195 -11.17 7.80 2.18
C TYR A 195 -12.53 7.07 2.15
N TYR A 196 -13.51 7.76 1.59
CA TYR A 196 -14.85 7.18 1.30
C TYR A 196 -14.79 6.41 0.00
N PHE A 197 -15.37 5.21 0.01
CA PHE A 197 -15.50 4.33 -1.15
C PHE A 197 -16.70 3.38 -1.00
N LYS A 198 -17.09 2.80 -2.13
CA LYS A 198 -18.12 1.77 -2.18
C LYS A 198 -17.48 0.44 -2.59
N ALA A 199 -17.76 -0.61 -1.83
CA ALA A 199 -17.37 -1.99 -2.21
C ALA A 199 -18.43 -2.99 -1.75
N ASN A 200 -18.67 -4.03 -2.56
CA ASN A 200 -19.60 -5.10 -2.17
C ASN A 200 -20.98 -4.51 -1.89
N ASP A 201 -21.35 -3.50 -2.69
CA ASP A 201 -22.64 -2.76 -2.58
C ASP A 201 -22.84 -2.03 -1.24
N LYS A 202 -21.76 -1.75 -0.53
CA LYS A 202 -21.81 -1.04 0.76
C LYS A 202 -20.86 0.17 0.78
N ASN A 203 -21.23 1.22 1.51
CA ASN A 203 -20.41 2.40 1.64
C ASN A 203 -19.51 2.31 2.85
N TYR A 204 -18.24 2.61 2.66
CA TYR A 204 -17.28 2.56 3.74
C TYR A 204 -16.47 3.85 3.79
N CYS A 205 -15.79 4.04 4.90
CA CYS A 205 -14.80 5.08 4.99
C CYS A 205 -13.60 4.55 5.75
N ILE A 206 -12.39 4.79 5.22
CA ILE A 206 -11.20 4.51 5.97
C ILE A 206 -10.63 5.82 6.48
N ASP A 207 -10.62 5.95 7.81
CA ASP A 207 -10.05 7.12 8.48
C ASP A 207 -8.61 6.84 8.88
N ALA A 208 -7.65 7.42 8.14
CA ALA A 208 -6.21 7.31 8.48
C ALA A 208 -5.64 8.62 9.11
N THR A 209 -6.51 9.43 9.71
CA THR A 209 -6.10 10.73 10.28
C THR A 209 -5.13 10.59 11.45
N GLU A 210 -5.41 9.70 12.42
CA GLU A 210 -4.48 9.53 13.52
CA GLU A 210 -4.47 9.48 13.52
C GLU A 210 -3.09 9.17 12.96
N GLU A 211 -2.06 9.74 13.57
CA GLU A 211 -0.69 9.54 13.11
C GLU A 211 -0.16 8.29 13.78
N CYS A 212 -0.61 7.14 13.28
N CYS A 212 -0.63 7.14 13.30
CA CYS A 212 -0.18 5.85 13.79
CA CYS A 212 -0.18 5.84 13.78
C CYS A 212 0.79 5.21 12.81
C CYS A 212 0.80 5.25 12.79
N LEU A 213 1.98 4.88 13.29
CA LEU A 213 3.00 4.26 12.48
C LEU A 213 2.48 3.06 11.71
N GLU A 214 1.61 2.26 12.34
CA GLU A 214 1.05 1.06 11.71
C GLU A 214 0.33 1.36 10.40
N PHE A 215 -0.16 2.58 10.21
CA PHE A 215 -0.88 2.94 8.95
C PHE A 215 0.02 3.01 7.72
N GLY A 216 1.31 3.26 7.91
CA GLY A 216 2.22 3.28 6.79
C GLY A 216 2.08 4.57 6.01
N PRO A 217 2.69 4.64 4.83
CA PRO A 217 2.78 5.90 4.12
C PRO A 217 1.73 6.07 3.04
N GLY A 218 0.82 5.11 2.93
CA GLY A 218 -0.24 5.14 1.92
C GLY A 218 -1.05 6.41 1.97
N ARG A 219 -1.41 6.81 3.19
CA ARG A 219 -2.25 7.97 3.43
C ARG A 219 -1.62 9.31 3.01
N LEU A 220 -0.29 9.33 2.84
CA LEU A 220 0.45 10.55 2.52
C LEU A 220 0.62 10.81 1.02
N ILE A 221 0.14 9.90 0.19
CA ILE A 221 0.32 10.05 -1.23
C ILE A 221 -0.41 11.29 -1.76
N ASN A 222 0.31 12.13 -2.47
CA ASN A 222 -0.29 13.32 -3.06
C ASN A 222 -1.20 13.04 -4.24
N HIS A 223 -1.95 14.08 -4.59
CA HIS A 223 -3.01 13.98 -5.55
C HIS A 223 -2.59 14.50 -6.91
N SER A 224 -3.02 13.79 -7.96
CA SER A 224 -2.93 14.29 -9.31
C SER A 224 -3.98 13.67 -10.26
N ARG A 225 -4.77 14.52 -10.90
CA ARG A 225 -5.70 14.05 -11.93
C ARG A 225 -5.03 13.86 -13.30
N LYS A 226 -4.02 14.65 -13.58
CA LYS A 226 -3.38 14.61 -14.87
C LYS A 226 -2.33 13.52 -14.94
N ASN A 227 -1.61 13.27 -13.85
CA ASN A 227 -0.47 12.36 -13.92
C ASN A 227 -0.40 11.28 -12.85
N PRO A 228 -1.55 10.67 -12.51
CA PRO A 228 -1.46 9.64 -11.47
C PRO A 228 -0.71 8.45 -11.98
N ASN A 229 -0.05 7.75 -11.07
CA ASN A 229 0.63 6.52 -11.48
C ASN A 229 0.22 5.29 -10.71
N ILE A 230 -0.75 5.44 -9.79
CA ILE A 230 -1.37 4.32 -9.10
C ILE A 230 -2.88 4.46 -9.10
N ILE A 231 -3.55 3.34 -8.89
CA ILE A 231 -5.00 3.25 -8.77
C ILE A 231 -5.35 2.34 -7.59
N THR A 232 -6.60 2.36 -7.17
CA THR A 232 -7.03 1.54 -6.05
C THR A 232 -7.80 0.29 -6.48
N LYS A 233 -7.77 -0.69 -5.59
CA LYS A 233 -8.52 -1.91 -5.73
C LYS A 233 -8.95 -2.31 -4.35
N VAL A 234 -9.95 -3.17 -4.26
CA VAL A 234 -10.44 -3.67 -2.98
C VAL A 234 -10.53 -5.19 -3.06
N LEU A 235 -10.10 -5.85 -1.98
CA LEU A 235 -10.39 -7.26 -1.76
C LEU A 235 -11.20 -7.38 -0.50
N MET A 236 -12.27 -8.14 -0.58
CA MET A 236 -13.01 -8.53 0.61
C MET A 236 -12.31 -9.73 1.19
N ILE A 237 -11.80 -9.58 2.41
CA ILE A 237 -11.08 -10.64 3.10
C ILE A 237 -11.70 -10.76 4.46
N GLU A 238 -12.19 -11.95 4.80
N GLU A 238 -12.08 -11.98 4.82
CA GLU A 238 -12.80 -12.18 6.11
CA GLU A 238 -13.20 -12.22 5.71
C GLU A 238 -13.85 -11.10 6.46
C GLU A 238 -14.36 -11.50 5.04
N ASN A 239 -14.67 -10.78 5.45
N ASN A 239 -15.04 -10.67 5.81
CA ASN A 239 -15.84 -9.91 5.58
CA ASN A 239 -16.02 -9.78 5.24
C ASN A 239 -15.58 -8.41 5.60
C ASN A 239 -15.62 -8.33 5.47
N THR A 240 -14.32 -8.05 5.39
CA THR A 240 -13.77 -6.71 5.61
C THR A 240 -13.10 -6.23 4.31
N PRO A 241 -13.51 -5.08 3.79
CA PRO A 241 -12.83 -4.59 2.61
C PRO A 241 -11.44 -4.15 2.99
N ARG A 242 -10.46 -4.51 2.15
CA ARG A 242 -9.08 -4.05 2.28
C ARG A 242 -8.74 -3.28 1.02
N LEU A 243 -8.41 -2.00 1.21
CA LEU A 243 -8.21 -1.08 0.11
C LEU A 243 -6.70 -0.91 -0.11
N PHE A 244 -6.27 -1.03 -1.36
CA PHE A 244 -4.86 -0.96 -1.69
C PHE A 244 -4.59 -0.35 -3.04
N PHE A 245 -3.33 0.08 -3.19
CA PHE A 245 -2.86 0.70 -4.41
C PHE A 245 -2.10 -0.31 -5.25
N VAL A 246 -2.30 -0.25 -6.56
CA VAL A 246 -1.43 -0.96 -7.50
C VAL A 246 -0.96 0.04 -8.53
N SER A 247 0.21 -0.22 -9.12
CA SER A 247 0.79 0.69 -10.08
C SER A 247 0.09 0.59 -11.43
N LYS A 248 -0.04 1.71 -12.13
CA LYS A 248 -0.65 1.72 -13.45
C LYS A 248 0.37 1.43 -14.53
N ARG A 249 1.64 1.50 -14.16
CA ARG A 249 2.72 1.31 -15.09
C ARG A 249 3.99 1.16 -14.29
N ASP A 250 5.09 0.90 -14.96
CA ASP A 250 6.39 0.91 -14.32
C ASP A 250 6.62 2.29 -13.73
N ILE A 251 6.88 2.34 -12.43
CA ILE A 251 7.23 3.54 -11.72
C ILE A 251 8.74 3.39 -11.41
N ILE A 252 9.57 4.32 -11.89
CA ILE A 252 10.99 4.19 -11.65
C ILE A 252 11.39 4.70 -10.29
N CYS A 253 12.54 4.22 -9.87
CA CYS A 253 13.20 4.60 -8.64
C CYS A 253 13.31 6.12 -8.54
N GLY A 254 12.95 6.68 -7.39
CA GLY A 254 12.95 8.12 -7.17
C GLY A 254 11.67 8.85 -7.55
N GLU A 255 10.85 8.24 -8.38
CA GLU A 255 9.66 8.89 -8.88
C GLU A 255 8.55 8.94 -7.81
N GLU A 256 7.84 10.05 -7.77
CA GLU A 256 6.81 10.28 -6.77
C GLU A 256 5.63 9.40 -7.07
N LEU A 257 4.98 8.86 -6.03
CA LEU A 257 3.72 8.16 -6.23
C LEU A 257 2.61 9.21 -6.24
N LEU A 258 1.73 9.09 -7.22
CA LEU A 258 0.60 10.00 -7.38
C LEU A 258 -0.69 9.24 -7.66
N PHE A 259 -1.77 9.75 -7.09
CA PHE A 259 -3.05 9.13 -7.13
C PHE A 259 -4.12 10.19 -7.43
N ASP A 260 -5.07 9.86 -8.28
CA ASP A 260 -6.21 10.72 -8.54
C ASP A 260 -7.27 10.40 -7.51
N TYR A 261 -7.38 11.22 -6.47
CA TYR A 261 -8.38 11.04 -5.45
C TYR A 261 -9.80 11.42 -5.85
N GLY A 262 -10.04 11.81 -7.10
CA GLY A 262 -11.37 12.27 -7.50
C GLY A 262 -12.26 11.27 -8.22
N ASP A 263 -11.78 10.05 -8.41
CA ASP A 263 -12.57 9.06 -9.15
C ASP A 263 -13.80 8.68 -8.32
N ASN A 264 -14.98 9.05 -8.81
CA ASN A 264 -16.25 8.80 -8.09
C ASN A 264 -16.89 7.42 -8.35
N ASN A 265 -16.26 6.60 -9.20
CA ASN A 265 -16.82 5.29 -9.59
C ASN A 265 -16.56 4.18 -8.55
N PRO A 266 -17.39 3.11 -8.56
CA PRO A 266 -17.23 1.99 -7.61
C PRO A 266 -15.96 1.15 -7.84
N ILE A 267 -15.43 0.57 -6.76
CA ILE A 267 -14.22 -0.26 -6.85
C ILE A 267 -14.58 -1.72 -6.60
#